data_8OJR
#
_entry.id   8OJR
#
_entity_poly.entity_id   1
_entity_poly.type   'polypeptide(L)'
_entity_poly.pdbx_seq_one_letter_code
;(ACE)MDVFMKGLSKAKEGVVAAAEKTKQG(NH2)
;
_entity_poly.pdbx_strand_id   A
#
# COMPACT_ATOMS: atom_id res chain seq x y z
N MET A 2 -5.32 12.86 -13.05
CA MET A 2 -5.04 12.43 -11.69
C MET A 2 -5.24 10.94 -11.50
N ASP A 3 -5.65 10.25 -12.56
CA ASP A 3 -5.87 8.80 -12.50
C ASP A 3 -4.57 8.09 -12.16
N VAL A 4 -3.50 8.51 -12.79
CA VAL A 4 -2.18 7.95 -12.56
C VAL A 4 -1.76 8.17 -11.10
N PHE A 5 -1.98 9.37 -10.62
CA PHE A 5 -1.64 9.71 -9.24
C PHE A 5 -2.39 8.81 -8.27
N MET A 6 -3.65 8.53 -8.59
CA MET A 6 -4.48 7.67 -7.74
C MET A 6 -3.92 6.26 -7.73
N LYS A 7 -3.46 5.81 -8.88
CA LYS A 7 -2.89 4.47 -9.01
C LYS A 7 -1.57 4.41 -8.25
N GLY A 8 -0.82 5.52 -8.28
CA GLY A 8 0.45 5.58 -7.58
C GLY A 8 0.26 5.51 -6.08
N LEU A 9 -0.73 6.24 -5.57
CA LEU A 9 -1.04 6.22 -4.15
C LEU A 9 -1.53 4.84 -3.75
N SER A 10 -2.42 4.28 -4.55
CA SER A 10 -2.97 2.95 -4.28
C SER A 10 -1.88 1.88 -4.30
N LYS A 11 -0.90 2.06 -5.19
CA LYS A 11 0.22 1.13 -5.28
C LYS A 11 1.07 1.20 -4.01
N ALA A 12 1.26 2.42 -3.50
CA ALA A 12 2.01 2.63 -2.28
C ALA A 12 1.24 2.08 -1.09
N LYS A 13 -0.07 2.31 -1.08
CA LYS A 13 -0.94 1.81 -0.02
C LYS A 13 -0.83 0.30 0.11
N GLU A 14 -0.82 -0.40 -1.01
CA GLU A 14 -0.66 -1.85 -1.00
C GLU A 14 0.62 -2.24 -0.27
N GLY A 15 1.67 -1.45 -0.45
CA GLY A 15 2.93 -1.72 0.21
C GLY A 15 2.87 -1.46 1.69
N VAL A 16 2.16 -0.41 2.07
CA VAL A 16 2.00 -0.05 3.48
C VAL A 16 1.10 -1.07 4.16
N VAL A 17 0.10 -1.56 3.42
CA VAL A 17 -0.77 -2.61 3.92
C VAL A 17 0.00 -3.90 4.06
N ALA A 18 0.80 -4.21 3.05
CA ALA A 18 1.68 -5.35 3.07
C ALA A 18 2.57 -5.33 4.31
N ALA A 19 3.13 -4.15 4.58
CA ALA A 19 3.94 -3.95 5.77
C ALA A 19 3.10 -4.09 7.04
N ALA A 20 1.92 -3.50 7.02
CA ALA A 20 1.01 -3.56 8.16
C ALA A 20 0.65 -5.00 8.50
N GLU A 21 0.35 -5.79 7.49
CA GLU A 21 -0.01 -7.20 7.70
C GLU A 21 1.19 -7.99 8.20
N LYS A 22 2.33 -7.81 7.53
CA LYS A 22 3.53 -8.56 7.88
C LYS A 22 4.01 -8.18 9.28
N THR A 23 3.80 -6.92 9.67
CA THR A 23 4.21 -6.43 10.96
C THR A 23 3.23 -6.85 12.06
N LYS A 24 1.96 -6.93 11.71
CA LYS A 24 0.93 -7.33 12.68
C LYS A 24 0.87 -8.85 12.80
N GLN A 25 1.56 -9.52 11.89
CA GLN A 25 1.64 -10.99 11.92
C GLN A 25 3.07 -11.42 12.18
N GLY A 26 3.89 -10.48 12.62
CA GLY A 26 5.28 -10.78 12.89
C GLY A 26 6.12 -9.53 13.02
N MET A 2 -5.98 12.08 -13.55
CA MET A 2 -5.68 11.79 -12.15
C MET A 2 -5.70 10.28 -11.90
N ASP A 3 -6.06 9.51 -12.91
CA ASP A 3 -6.17 8.05 -12.76
C ASP A 3 -4.80 7.45 -12.46
N VAL A 4 -3.79 7.94 -13.15
CA VAL A 4 -2.42 7.48 -12.93
C VAL A 4 -1.96 7.84 -11.53
N PHE A 5 -2.34 9.03 -11.09
CA PHE A 5 -2.02 9.51 -9.75
C PHE A 5 -2.66 8.59 -8.70
N MET A 6 -3.91 8.19 -8.96
CA MET A 6 -4.62 7.30 -8.05
C MET A 6 -3.93 5.94 -8.00
N LYS A 7 -3.46 5.49 -9.15
CA LYS A 7 -2.79 4.20 -9.25
C LYS A 7 -1.45 4.27 -8.51
N GLY A 8 -0.91 5.47 -8.39
CA GLY A 8 0.32 5.67 -7.65
C GLY A 8 0.09 5.61 -6.16
N LEU A 9 -0.94 6.31 -5.69
CA LEU A 9 -1.27 6.35 -4.27
C LEU A 9 -1.64 4.97 -3.78
N SER A 10 -2.43 4.25 -4.57
CA SER A 10 -2.88 2.91 -4.22
C SER A 10 -1.72 1.93 -4.19
N LYS A 11 -0.88 1.98 -5.22
CA LYS A 11 0.29 1.12 -5.29
C LYS A 11 1.23 1.38 -4.11
N ALA A 12 1.33 2.65 -3.73
CA ALA A 12 2.19 3.05 -2.63
C ALA A 12 1.65 2.54 -1.29
N LYS A 13 0.37 2.80 -1.03
CA LYS A 13 -0.22 2.39 0.25
C LYS A 13 -0.35 0.88 0.33
N GLU A 14 -0.32 0.23 -0.82
CA GLU A 14 -0.33 -1.23 -0.87
C GLU A 14 0.86 -1.78 -0.07
N GLY A 15 1.95 -1.03 -0.08
CA GLY A 15 3.13 -1.44 0.65
C GLY A 15 2.98 -1.28 2.15
N VAL A 16 2.33 -0.20 2.57
CA VAL A 16 2.14 0.05 3.99
C VAL A 16 1.08 -0.89 4.53
N VAL A 17 0.17 -1.31 3.66
CA VAL A 17 -0.80 -2.33 4.00
C VAL A 17 -0.10 -3.67 4.19
N ALA A 18 0.73 -4.00 3.22
CA ALA A 18 1.54 -5.19 3.28
C ALA A 18 2.35 -5.22 4.57
N ALA A 19 2.92 -4.07 4.91
CA ALA A 19 3.68 -3.93 6.15
C ALA A 19 2.77 -4.07 7.36
N ALA A 20 1.63 -3.39 7.33
CA ALA A 20 0.68 -3.39 8.45
C ALA A 20 0.21 -4.80 8.77
N GLU A 21 0.05 -5.62 7.74
CA GLU A 21 -0.42 -6.98 7.93
C GLU A 21 0.73 -7.94 8.24
N LYS A 22 1.78 -7.91 7.43
CA LYS A 22 2.88 -8.87 7.56
C LYS A 22 3.65 -8.68 8.87
N THR A 23 3.80 -7.44 9.31
CA THR A 23 4.57 -7.15 10.52
C THR A 23 3.82 -7.62 11.76
N LYS A 24 2.50 -7.67 11.67
CA LYS A 24 1.68 -8.12 12.79
C LYS A 24 1.46 -9.62 12.71
N GLN A 25 1.38 -10.12 11.48
CA GLN A 25 1.26 -11.55 11.26
C GLN A 25 1.86 -11.92 9.91
N GLY A 26 2.97 -12.63 9.94
CA GLY A 26 3.63 -13.04 8.72
C GLY A 26 4.91 -13.79 9.00
N MET A 2 -3.97 14.13 -11.87
CA MET A 2 -3.97 13.50 -10.55
C MET A 2 -4.22 12.00 -10.67
N ASP A 3 -4.55 11.54 -11.88
CA ASP A 3 -4.86 10.13 -12.09
C ASP A 3 -3.62 9.26 -11.91
N VAL A 4 -2.48 9.79 -12.34
CA VAL A 4 -1.20 9.11 -12.18
C VAL A 4 -0.88 8.95 -10.70
N PHE A 5 -1.19 9.98 -9.94
CA PHE A 5 -0.99 9.96 -8.49
C PHE A 5 -1.82 8.85 -7.87
N MET A 6 -3.05 8.69 -8.34
CA MET A 6 -3.95 7.68 -7.81
C MET A 6 -3.48 6.28 -8.20
N LYS A 7 -2.86 6.20 -9.38
CA LYS A 7 -2.30 4.95 -9.87
C LYS A 7 -1.21 4.45 -8.93
N GLY A 8 -0.41 5.39 -8.42
CA GLY A 8 0.68 5.02 -7.54
C GLY A 8 0.26 5.00 -6.09
N LEU A 9 -0.69 5.85 -5.74
CA LEU A 9 -1.20 5.93 -4.39
C LEU A 9 -1.85 4.61 -3.98
N SER A 10 -2.62 4.04 -4.88
CA SER A 10 -3.26 2.76 -4.64
C SER A 10 -2.22 1.67 -4.38
N LYS A 11 -1.14 1.72 -5.14
CA LYS A 11 -0.04 0.76 -4.97
C LYS A 11 0.66 1.01 -3.64
N ALA A 12 0.82 2.27 -3.29
CA ALA A 12 1.44 2.65 -2.03
C ALA A 12 0.61 2.14 -0.87
N LYS A 13 -0.71 2.21 -1.00
CA LYS A 13 -1.62 1.68 0.00
C LYS A 13 -1.45 0.18 0.13
N GLU A 14 -1.36 -0.51 -1.00
CA GLU A 14 -1.11 -1.95 -0.99
C GLU A 14 0.15 -2.27 -0.21
N GLY A 15 1.17 -1.45 -0.40
CA GLY A 15 2.43 -1.66 0.26
C GLY A 15 2.37 -1.39 1.74
N VAL A 16 1.61 -0.38 2.14
CA VAL A 16 1.50 -0.02 3.54
C VAL A 16 0.64 -1.05 4.28
N VAL A 17 -0.31 -1.62 3.55
CA VAL A 17 -1.12 -2.70 4.07
C VAL A 17 -0.29 -3.97 4.18
N ALA A 18 0.47 -4.25 3.13
CA ALA A 18 1.38 -5.36 3.13
C ALA A 18 2.36 -5.25 4.29
N ALA A 19 2.85 -4.04 4.52
CA ALA A 19 3.72 -3.75 5.65
C ALA A 19 2.98 -3.98 6.95
N ALA A 20 1.74 -3.51 7.03
CA ALA A 20 0.93 -3.67 8.23
C ALA A 20 0.71 -5.14 8.55
N GLU A 21 0.45 -5.93 7.52
CA GLU A 21 0.23 -7.36 7.69
C GLU A 21 1.51 -8.06 8.13
N LYS A 22 2.62 -7.77 7.48
CA LYS A 22 3.88 -8.43 7.79
C LYS A 22 4.46 -7.95 9.12
N THR A 23 4.23 -6.68 9.44
CA THR A 23 4.79 -6.11 10.67
C THR A 23 4.03 -6.58 11.89
N LYS A 24 2.74 -6.85 11.75
CA LYS A 24 1.91 -7.20 12.90
C LYS A 24 1.58 -8.69 12.92
N GLN A 25 1.71 -9.36 11.79
CA GLN A 25 1.31 -10.76 11.67
C GLN A 25 2.37 -11.60 10.96
N GLY A 26 2.78 -11.15 9.77
CA GLY A 26 3.72 -11.92 8.98
C GLY A 26 5.17 -11.60 9.29
N MET A 2 -5.46 12.73 -12.97
CA MET A 2 -5.03 12.32 -11.64
C MET A 2 -5.10 10.81 -11.48
N ASP A 3 -5.50 10.11 -12.54
CA ASP A 3 -5.61 8.66 -12.50
C ASP A 3 -4.27 8.04 -12.13
N VAL A 4 -3.22 8.50 -12.80
CA VAL A 4 -1.88 8.02 -12.55
C VAL A 4 -1.47 8.27 -11.10
N PHE A 5 -1.78 9.46 -10.61
CA PHE A 5 -1.46 9.84 -9.25
C PHE A 5 -2.18 8.93 -8.26
N MET A 6 -3.44 8.65 -8.55
CA MET A 6 -4.25 7.80 -7.68
C MET A 6 -3.77 6.36 -7.73
N LYS A 7 -3.34 5.94 -8.91
CA LYS A 7 -2.83 4.58 -9.09
C LYS A 7 -1.50 4.45 -8.35
N GLY A 8 -0.77 5.55 -8.25
CA GLY A 8 0.48 5.56 -7.51
C GLY A 8 0.24 5.47 -6.02
N LEU A 9 -0.78 6.17 -5.54
CA LEU A 9 -1.16 6.14 -4.14
C LEU A 9 -1.70 4.77 -3.78
N SER A 10 -2.56 4.24 -4.63
CA SER A 10 -3.14 2.92 -4.42
C SER A 10 -2.06 1.84 -4.41
N LYS A 11 -1.04 2.02 -5.24
CA LYS A 11 0.10 1.11 -5.25
C LYS A 11 0.85 1.22 -3.94
N ALA A 12 1.01 2.45 -3.46
CA ALA A 12 1.68 2.72 -2.21
C ALA A 12 0.91 2.10 -1.04
N LYS A 13 -0.41 2.15 -1.13
CA LYS A 13 -1.26 1.56 -0.11
C LYS A 13 -1.01 0.07 -0.01
N GLU A 14 -0.92 -0.58 -1.17
CA GLU A 14 -0.63 -2.02 -1.21
C GLU A 14 0.66 -2.33 -0.46
N GLY A 15 1.61 -1.41 -0.54
CA GLY A 15 2.88 -1.61 0.15
C GLY A 15 2.79 -1.40 1.64
N VAL A 16 2.00 -0.40 2.05
CA VAL A 16 1.85 -0.10 3.46
C VAL A 16 1.00 -1.17 4.14
N VAL A 17 0.06 -1.71 3.40
CA VAL A 17 -0.75 -2.82 3.87
C VAL A 17 0.11 -4.05 4.05
N ALA A 18 0.97 -4.28 3.05
CA ALA A 18 1.91 -5.37 3.10
C ALA A 18 2.78 -5.27 4.35
N ALA A 19 3.24 -4.06 4.64
CA ALA A 19 4.03 -3.82 5.83
C ALA A 19 3.19 -3.99 7.10
N ALA A 20 2.00 -3.40 7.09
CA ALA A 20 1.11 -3.43 8.25
C ALA A 20 0.73 -4.87 8.61
N GLU A 21 0.43 -5.67 7.61
CA GLU A 21 0.00 -7.06 7.84
C GLU A 21 1.19 -7.94 8.23
N LYS A 22 2.31 -7.76 7.56
CA LYS A 22 3.50 -8.55 7.83
C LYS A 22 4.02 -8.26 9.23
N THR A 23 3.92 -7.01 9.66
CA THR A 23 4.44 -6.59 10.95
C THR A 23 3.51 -7.01 12.10
N LYS A 24 2.20 -7.02 11.84
CA LYS A 24 1.23 -7.28 12.89
C LYS A 24 0.89 -8.76 12.98
N GLN A 25 0.90 -9.45 11.86
CA GLN A 25 0.49 -10.84 11.82
C GLN A 25 1.53 -11.70 11.10
N GLY A 26 1.95 -11.25 9.93
CA GLY A 26 2.94 -11.99 9.18
C GLY A 26 2.49 -12.24 7.75
N MET A 2 -4.12 13.44 -13.00
CA MET A 2 -4.19 13.00 -11.61
C MET A 2 -4.45 11.50 -11.52
N ASP A 3 -4.84 10.91 -12.64
CA ASP A 3 -5.22 9.50 -12.67
C ASP A 3 -4.05 8.60 -12.31
N VAL A 4 -2.91 8.84 -12.96
CA VAL A 4 -1.71 8.09 -12.68
C VAL A 4 -1.27 8.28 -11.23
N PHE A 5 -1.40 9.51 -10.75
CA PHE A 5 -1.07 9.85 -9.37
C PHE A 5 -1.89 9.00 -8.40
N MET A 6 -3.16 8.81 -8.72
CA MET A 6 -4.05 8.04 -7.86
C MET A 6 -3.67 6.57 -7.88
N LYS A 7 -3.13 6.12 -9.01
CA LYS A 7 -2.66 4.75 -9.14
C LYS A 7 -1.41 4.56 -8.28
N GLY A 8 -0.60 5.62 -8.20
CA GLY A 8 0.60 5.56 -7.38
C GLY A 8 0.27 5.43 -5.92
N LEU A 9 -0.71 6.22 -5.46
CA LEU A 9 -1.11 6.22 -4.06
C LEU A 9 -1.75 4.88 -3.68
N SER A 10 -2.66 4.40 -4.53
CA SER A 10 -3.34 3.14 -4.26
C SER A 10 -2.35 1.98 -4.21
N LYS A 11 -1.38 1.97 -5.12
CA LYS A 11 -0.35 0.94 -5.11
C LYS A 11 0.55 1.08 -3.89
N ALA A 12 0.79 2.31 -3.46
CA ALA A 12 1.55 2.56 -2.26
C ALA A 12 0.81 2.01 -1.04
N LYS A 13 -0.51 2.12 -1.08
CA LYS A 13 -1.35 1.55 -0.02
C LYS A 13 -1.18 0.04 0.05
N GLU A 14 -1.09 -0.59 -1.11
CA GLU A 14 -0.84 -2.03 -1.18
C GLU A 14 0.44 -2.37 -0.42
N GLY A 15 1.42 -1.48 -0.50
CA GLY A 15 2.69 -1.68 0.16
C GLY A 15 2.61 -1.42 1.65
N VAL A 16 1.77 -0.48 2.06
CA VAL A 16 1.62 -0.19 3.48
C VAL A 16 0.80 -1.28 4.14
N VAL A 17 -0.09 -1.89 3.35
CA VAL A 17 -0.83 -3.05 3.81
C VAL A 17 0.09 -4.25 3.93
N ALA A 18 0.91 -4.45 2.90
CA ALA A 18 1.90 -5.51 2.90
C ALA A 18 2.80 -5.38 4.14
N ALA A 19 3.13 -4.14 4.48
CA ALA A 19 3.91 -3.88 5.67
C ALA A 19 3.09 -4.11 6.94
N ALA A 20 1.87 -3.57 6.96
CA ALA A 20 1.01 -3.68 8.13
C ALA A 20 0.70 -5.14 8.48
N GLU A 21 0.53 -5.96 7.47
CA GLU A 21 0.22 -7.37 7.68
C GLU A 21 1.41 -8.11 8.26
N LYS A 22 2.59 -7.82 7.73
CA LYS A 22 3.81 -8.49 8.18
C LYS A 22 4.27 -7.94 9.54
N THR A 23 3.94 -6.67 9.80
CA THR A 23 4.33 -6.03 11.04
C THR A 23 3.42 -6.47 12.19
N LYS A 24 2.17 -6.76 11.88
CA LYS A 24 1.24 -7.26 12.89
C LYS A 24 1.40 -8.76 13.06
N GLN A 25 1.73 -9.42 11.96
CA GLN A 25 1.96 -10.85 11.95
C GLN A 25 3.28 -11.17 11.25
N GLY A 26 4.34 -11.30 12.03
CA GLY A 26 5.65 -11.57 11.48
C GLY A 26 6.76 -11.06 12.37
N MET A 2 -5.17 12.95 -12.03
CA MET A 2 -5.44 12.49 -10.68
C MET A 2 -5.73 11.00 -10.66
N ASP A 3 -6.23 10.48 -11.78
CA ASP A 3 -6.59 9.08 -11.87
C ASP A 3 -5.37 8.18 -11.74
N VAL A 4 -4.37 8.41 -12.58
CA VAL A 4 -3.13 7.67 -12.52
C VAL A 4 -2.40 7.94 -11.20
N PHE A 5 -2.56 9.15 -10.69
CA PHE A 5 -1.97 9.54 -9.42
C PHE A 5 -2.59 8.71 -8.28
N MET A 6 -3.88 8.45 -8.38
CA MET A 6 -4.58 7.63 -7.39
C MET A 6 -4.01 6.22 -7.40
N LYS A 7 -3.67 5.74 -8.58
CA LYS A 7 -3.07 4.42 -8.71
C LYS A 7 -1.68 4.42 -8.10
N GLY A 8 -0.99 5.54 -8.21
CA GLY A 8 0.32 5.67 -7.60
C GLY A 8 0.24 5.62 -6.08
N LEU A 9 -0.74 6.32 -5.54
CA LEU A 9 -0.99 6.28 -4.10
C LEU A 9 -1.40 4.88 -3.68
N SER A 10 -2.26 4.26 -4.49
CA SER A 10 -2.72 2.90 -4.22
C SER A 10 -1.56 1.91 -4.27
N LYS A 11 -0.62 2.15 -5.16
CA LYS A 11 0.56 1.31 -5.30
C LYS A 11 1.40 1.42 -4.04
N ALA A 12 1.52 2.64 -3.53
CA ALA A 12 2.25 2.88 -2.29
C ALA A 12 1.52 2.27 -1.10
N LYS A 13 0.20 2.50 -1.04
CA LYS A 13 -0.64 1.97 0.03
C LYS A 13 -0.56 0.46 0.08
N GLU A 14 -0.50 -0.17 -1.09
CA GLU A 14 -0.38 -1.61 -1.19
C GLU A 14 0.85 -2.10 -0.41
N GLY A 15 1.94 -1.36 -0.51
CA GLY A 15 3.15 -1.72 0.19
C GLY A 15 3.04 -1.49 1.67
N VAL A 16 2.27 -0.48 2.06
CA VAL A 16 2.04 -0.19 3.46
C VAL A 16 1.10 -1.23 4.06
N VAL A 17 0.15 -1.68 3.26
CA VAL A 17 -0.74 -2.75 3.67
C VAL A 17 0.03 -4.05 3.80
N ALA A 18 0.85 -4.32 2.80
CA ALA A 18 1.72 -5.49 2.80
C ALA A 18 2.62 -5.49 4.03
N ALA A 19 3.11 -4.31 4.39
CA ALA A 19 3.92 -4.16 5.59
C ALA A 19 3.07 -4.33 6.83
N ALA A 20 1.91 -3.71 6.84
CA ALA A 20 1.00 -3.76 7.97
C ALA A 20 0.57 -5.18 8.29
N GLU A 21 0.31 -5.98 7.26
CA GLU A 21 -0.14 -7.36 7.45
C GLU A 21 0.93 -8.17 8.19
N LYS A 22 2.15 -8.10 7.71
CA LYS A 22 3.24 -8.86 8.29
C LYS A 22 3.64 -8.31 9.66
N THR A 23 3.69 -6.98 9.78
CA THR A 23 4.13 -6.34 11.01
C THR A 23 3.07 -6.49 12.11
N LYS A 24 1.82 -6.69 11.71
CA LYS A 24 0.73 -6.89 12.67
C LYS A 24 0.82 -8.30 13.26
N GLN A 25 1.28 -9.24 12.45
CA GLN A 25 1.42 -10.63 12.89
C GLN A 25 2.73 -10.82 13.65
N GLY A 26 3.82 -10.43 13.02
CA GLY A 26 5.12 -10.56 13.64
C GLY A 26 6.20 -9.84 12.85
N MET A 2 -6.54 13.01 -12.05
CA MET A 2 -6.27 12.60 -10.67
C MET A 2 -6.29 11.08 -10.56
N ASP A 3 -6.89 10.43 -11.55
CA ASP A 3 -7.03 8.98 -11.55
C ASP A 3 -5.67 8.29 -11.57
N VAL A 4 -4.80 8.73 -12.47
CA VAL A 4 -3.47 8.14 -12.59
C VAL A 4 -2.68 8.31 -11.29
N PHE A 5 -2.82 9.47 -10.67
CA PHE A 5 -2.15 9.74 -9.41
C PHE A 5 -2.63 8.76 -8.34
N MET A 6 -3.93 8.50 -8.33
CA MET A 6 -4.52 7.60 -7.34
C MET A 6 -4.02 6.18 -7.56
N LYS A 7 -3.71 5.86 -8.81
CA LYS A 7 -3.18 4.55 -9.16
C LYS A 7 -1.80 4.35 -8.51
N GLY A 8 -1.00 5.41 -8.53
CA GLY A 8 0.32 5.33 -7.93
C GLY A 8 0.26 5.41 -6.42
N LEU A 9 -0.68 6.22 -5.93
CA LEU A 9 -0.90 6.39 -4.51
C LEU A 9 -1.34 5.07 -3.88
N SER A 10 -2.33 4.43 -4.49
CA SER A 10 -2.85 3.17 -4.00
C SER A 10 -1.78 2.07 -4.07
N LYS A 11 -0.94 2.13 -5.11
CA LYS A 11 0.13 1.16 -5.27
C LYS A 11 1.14 1.30 -4.13
N ALA A 12 1.37 2.53 -3.70
CA ALA A 12 2.24 2.79 -2.56
C ALA A 12 1.60 2.25 -1.29
N LYS A 13 0.30 2.46 -1.16
CA LYS A 13 -0.47 1.97 -0.03
C LYS A 13 -0.35 0.46 0.09
N GLU A 14 -0.29 -0.20 -1.05
CA GLU A 14 -0.14 -1.65 -1.10
C GLU A 14 1.07 -2.10 -0.28
N GLY A 15 2.12 -1.30 -0.30
CA GLY A 15 3.32 -1.62 0.44
C GLY A 15 3.17 -1.42 1.92
N VAL A 16 2.39 -0.41 2.31
CA VAL A 16 2.18 -0.13 3.71
C VAL A 16 1.17 -1.12 4.30
N VAL A 17 0.33 -1.66 3.42
CA VAL A 17 -0.58 -2.73 3.80
C VAL A 17 0.20 -4.01 3.97
N ALA A 18 1.06 -4.29 3.00
CA ALA A 18 1.95 -5.43 3.06
C ALA A 18 2.78 -5.41 4.35
N ALA A 19 3.23 -4.22 4.72
CA ALA A 19 3.97 -4.03 5.96
C ALA A 19 3.06 -4.26 7.16
N ALA A 20 1.86 -3.70 7.11
CA ALA A 20 0.89 -3.82 8.20
C ALA A 20 0.53 -5.28 8.45
N GLU A 21 0.32 -6.03 7.37
CA GLU A 21 -0.05 -7.44 7.48
C GLU A 21 1.10 -8.27 8.05
N LYS A 22 2.30 -8.00 7.57
CA LYS A 22 3.48 -8.75 7.99
C LYS A 22 3.88 -8.41 9.43
N THR A 23 3.72 -7.15 9.82
CA THR A 23 4.13 -6.70 11.14
C THR A 23 3.09 -7.04 12.21
N LYS A 24 1.82 -6.86 11.88
CA LYS A 24 0.76 -6.99 12.88
C LYS A 24 0.18 -8.39 12.90
N GLN A 25 0.28 -9.09 11.78
CA GLN A 25 -0.34 -10.40 11.63
C GLN A 25 0.67 -11.40 11.08
N GLY A 26 1.95 -11.13 11.31
CA GLY A 26 2.98 -12.00 10.80
C GLY A 26 4.17 -12.05 11.73
N MET A 2 -6.12 12.01 -13.77
CA MET A 2 -5.15 11.75 -12.70
C MET A 2 -5.26 10.30 -12.21
N ASP A 3 -5.82 9.43 -13.06
CA ASP A 3 -6.08 8.04 -12.68
C ASP A 3 -4.79 7.30 -12.40
N VAL A 4 -3.80 7.45 -13.28
CA VAL A 4 -2.54 6.76 -13.14
C VAL A 4 -1.83 7.20 -11.85
N PHE A 5 -1.87 8.49 -11.59
CA PHE A 5 -1.31 9.04 -10.37
C PHE A 5 -2.03 8.45 -9.15
N MET A 6 -3.34 8.30 -9.25
CA MET A 6 -4.14 7.74 -8.16
C MET A 6 -3.77 6.28 -7.93
N LYS A 7 -3.39 5.60 -9.00
CA LYS A 7 -2.97 4.21 -8.90
C LYS A 7 -1.60 4.14 -8.23
N GLY A 8 -0.80 5.19 -8.40
CA GLY A 8 0.48 5.26 -7.74
C GLY A 8 0.33 5.42 -6.25
N LEU A 9 -0.59 6.28 -5.84
CA LEU A 9 -0.87 6.53 -4.43
C LEU A 9 -1.46 5.27 -3.79
N SER A 10 -2.43 4.67 -4.46
CA SER A 10 -3.10 3.49 -3.94
C SER A 10 -2.12 2.33 -3.84
N LYS A 11 -1.25 2.19 -4.83
CA LYS A 11 -0.22 1.16 -4.83
C LYS A 11 0.72 1.36 -3.64
N ALA A 12 1.02 2.61 -3.33
CA ALA A 12 1.86 2.94 -2.20
C ALA A 12 1.20 2.50 -0.90
N LYS A 13 -0.11 2.72 -0.81
CA LYS A 13 -0.89 2.31 0.36
C LYS A 13 -0.91 0.80 0.48
N GLU A 14 -0.92 0.12 -0.66
CA GLU A 14 -0.85 -1.34 -0.68
C GLU A 14 0.42 -1.81 0.02
N GLY A 15 1.46 -1.00 -0.07
CA GLY A 15 2.73 -1.33 0.55
C GLY A 15 2.70 -1.13 2.05
N VAL A 16 1.98 -0.11 2.50
CA VAL A 16 1.88 0.16 3.93
C VAL A 16 0.97 -0.88 4.58
N VAL A 17 -0.01 -1.33 3.81
CA VAL A 17 -0.88 -2.42 4.24
C VAL A 17 -0.07 -3.71 4.30
N ALA A 18 0.76 -3.91 3.29
CA ALA A 18 1.66 -5.04 3.26
C ALA A 18 2.55 -5.05 4.49
N ALA A 19 3.06 -3.87 4.86
CA ALA A 19 3.87 -3.72 6.06
C ALA A 19 3.05 -4.02 7.30
N ALA A 20 1.83 -3.50 7.33
CA ALA A 20 0.93 -3.71 8.47
C ALA A 20 0.61 -5.20 8.64
N GLU A 21 0.36 -5.88 7.53
CA GLU A 21 0.05 -7.31 7.56
C GLU A 21 1.30 -8.14 7.86
N LYS A 22 2.43 -7.72 7.31
CA LYS A 22 3.69 -8.43 7.51
C LYS A 22 4.14 -8.30 8.97
N THR A 23 4.00 -7.11 9.52
CA THR A 23 4.37 -6.85 10.90
C THR A 23 3.40 -7.53 11.86
N LYS A 24 2.17 -7.76 11.39
CA LYS A 24 1.14 -8.39 12.20
C LYS A 24 1.31 -9.91 12.23
N GLN A 25 1.81 -10.45 11.13
CA GLN A 25 1.99 -11.88 11.01
C GLN A 25 3.10 -12.21 10.03
N GLY A 26 3.02 -11.67 8.83
CA GLY A 26 4.01 -11.95 7.83
C GLY A 26 3.52 -11.64 6.43
N MET A 2 -3.77 13.18 -12.57
CA MET A 2 -4.42 12.99 -11.28
C MET A 2 -4.80 11.53 -11.09
N ASP A 3 -5.21 10.88 -12.18
CA ASP A 3 -5.54 9.46 -12.14
C ASP A 3 -4.27 8.65 -11.93
N VAL A 4 -3.21 9.12 -12.55
CA VAL A 4 -1.90 8.51 -12.40
C VAL A 4 -1.45 8.55 -10.95
N PHE A 5 -1.59 9.71 -10.33
CA PHE A 5 -1.22 9.87 -8.92
C PHE A 5 -2.02 8.89 -8.06
N MET A 6 -3.29 8.73 -8.39
CA MET A 6 -4.17 7.82 -7.65
C MET A 6 -3.72 6.38 -7.85
N LYS A 7 -3.16 6.10 -9.00
CA LYS A 7 -2.69 4.76 -9.32
C LYS A 7 -1.40 4.47 -8.54
N GLY A 8 -0.56 5.50 -8.40
CA GLY A 8 0.63 5.37 -7.58
C GLY A 8 0.29 5.34 -6.10
N LEU A 9 -0.79 6.03 -5.75
CA LEU A 9 -1.26 6.09 -4.38
C LEU A 9 -1.80 4.74 -3.94
N SER A 10 -2.60 4.12 -4.79
CA SER A 10 -3.18 2.82 -4.48
C SER A 10 -2.10 1.75 -4.37
N LYS A 11 -1.13 1.78 -5.28
CA LYS A 11 -0.01 0.85 -5.22
C LYS A 11 0.81 1.08 -3.95
N ALA A 12 0.99 2.33 -3.58
CA ALA A 12 1.70 2.68 -2.36
C ALA A 12 0.97 2.15 -1.13
N LYS A 13 -0.34 2.26 -1.14
CA LYS A 13 -1.17 1.74 -0.05
C LYS A 13 -1.01 0.23 0.07
N GLU A 14 -0.96 -0.45 -1.07
CA GLU A 14 -0.75 -1.89 -1.08
C GLU A 14 0.50 -2.25 -0.30
N GLY A 15 1.53 -1.41 -0.43
CA GLY A 15 2.77 -1.64 0.28
C GLY A 15 2.65 -1.40 1.76
N VAL A 16 1.88 -0.38 2.14
CA VAL A 16 1.71 -0.05 3.54
C VAL A 16 0.78 -1.06 4.21
N VAL A 17 -0.07 -1.68 3.41
CA VAL A 17 -0.94 -2.75 3.88
C VAL A 17 -0.12 -4.01 4.06
N ALA A 18 0.69 -4.32 3.06
CA ALA A 18 1.62 -5.43 3.12
C ALA A 18 2.50 -5.30 4.36
N ALA A 19 2.99 -4.09 4.61
CA ALA A 19 3.76 -3.80 5.80
C ALA A 19 2.92 -3.99 7.05
N ALA A 20 1.68 -3.48 7.01
CA ALA A 20 0.78 -3.56 8.15
C ALA A 20 0.51 -5.02 8.53
N GLU A 21 0.36 -5.88 7.54
CA GLU A 21 0.08 -7.29 7.79
C GLU A 21 1.32 -8.00 8.31
N LYS A 22 2.43 -7.84 7.61
CA LYS A 22 3.66 -8.55 7.96
C LYS A 22 4.21 -8.10 9.30
N THR A 23 4.05 -6.82 9.62
CA THR A 23 4.55 -6.27 10.87
C THR A 23 3.68 -6.71 12.06
N LYS A 24 2.41 -6.96 11.80
CA LYS A 24 1.48 -7.36 12.86
C LYS A 24 1.47 -8.87 13.03
N GLN A 25 1.64 -9.57 11.92
CA GLN A 25 1.58 -11.02 11.91
C GLN A 25 2.92 -11.64 12.27
N GLY A 26 3.93 -11.36 11.46
CA GLY A 26 5.25 -11.92 11.70
C GLY A 26 5.73 -12.72 10.52
N MET A 2 -6.71 12.09 -12.93
CA MET A 2 -6.01 11.82 -11.67
C MET A 2 -5.90 10.31 -11.40
N ASP A 3 -6.18 9.52 -12.43
CA ASP A 3 -6.21 8.07 -12.31
C ASP A 3 -4.80 7.52 -12.13
N VAL A 4 -3.85 8.10 -12.85
CA VAL A 4 -2.46 7.69 -12.75
C VAL A 4 -1.89 8.06 -11.38
N PHE A 5 -2.25 9.25 -10.91
CA PHE A 5 -1.84 9.70 -9.59
C PHE A 5 -2.41 8.76 -8.53
N MET A 6 -3.64 8.31 -8.73
CA MET A 6 -4.28 7.37 -7.82
C MET A 6 -3.52 6.05 -7.79
N LYS A 7 -3.03 5.65 -8.96
CA LYS A 7 -2.28 4.40 -9.08
C LYS A 7 -1.00 4.46 -8.26
N GLY A 8 -0.41 5.65 -8.17
CA GLY A 8 0.77 5.81 -7.35
C GLY A 8 0.43 5.69 -5.88
N LEU A 9 -0.72 6.20 -5.50
CA LEU A 9 -1.18 6.16 -4.13
C LEU A 9 -1.58 4.74 -3.73
N SER A 10 -2.34 4.08 -4.59
CA SER A 10 -2.81 2.73 -4.33
C SER A 10 -1.63 1.76 -4.23
N LYS A 11 -0.64 1.96 -5.11
CA LYS A 11 0.59 1.18 -5.05
C LYS A 11 1.25 1.32 -3.69
N ALA A 12 1.29 2.55 -3.19
CA ALA A 12 1.87 2.82 -1.89
C ALA A 12 1.02 2.19 -0.78
N LYS A 13 -0.29 2.42 -0.86
CA LYS A 13 -1.23 1.88 0.11
C LYS A 13 -1.10 0.38 0.25
N GLU A 14 -1.11 -0.32 -0.87
CA GLU A 14 -0.99 -1.77 -0.88
C GLU A 14 0.31 -2.20 -0.21
N GLY A 15 1.35 -1.39 -0.36
CA GLY A 15 2.62 -1.69 0.27
C GLY A 15 2.58 -1.43 1.77
N VAL A 16 1.91 -0.35 2.15
CA VAL A 16 1.76 -0.02 3.56
C VAL A 16 0.85 -1.03 4.24
N VAL A 17 -0.14 -1.51 3.50
CA VAL A 17 -1.03 -2.56 3.99
C VAL A 17 -0.26 -3.86 4.11
N ALA A 18 0.50 -4.18 3.08
CA ALA A 18 1.35 -5.34 3.08
C ALA A 18 2.29 -5.31 4.29
N ALA A 19 2.85 -4.14 4.55
CA ALA A 19 3.71 -3.94 5.70
C ALA A 19 2.92 -4.07 6.99
N ALA A 20 1.77 -3.42 7.05
CA ALA A 20 0.92 -3.45 8.25
C ALA A 20 0.51 -4.87 8.60
N GLU A 21 0.24 -5.68 7.58
CA GLU A 21 -0.16 -7.07 7.79
C GLU A 21 1.06 -7.93 8.16
N LYS A 22 2.10 -7.85 7.35
CA LYS A 22 3.27 -8.69 7.51
C LYS A 22 4.00 -8.39 8.83
N THR A 23 4.03 -7.13 9.23
CA THR A 23 4.75 -6.74 10.44
C THR A 23 3.93 -7.01 11.70
N LYS A 24 2.60 -6.97 11.57
CA LYS A 24 1.74 -7.20 12.73
C LYS A 24 1.51 -8.69 12.93
N GLN A 25 1.65 -9.43 11.85
CA GLN A 25 1.44 -10.87 11.87
C GLN A 25 2.77 -11.61 11.71
N GLY A 26 3.86 -10.89 11.94
CA GLY A 26 5.18 -11.47 11.82
C GLY A 26 6.24 -10.58 12.43
N MET A 2 -7.10 12.31 -12.30
CA MET A 2 -6.81 11.97 -10.91
C MET A 2 -6.55 10.47 -10.78
N ASP A 3 -6.99 9.71 -11.77
CA ASP A 3 -6.85 8.25 -11.75
C ASP A 3 -5.39 7.84 -11.74
N VAL A 4 -4.59 8.53 -12.53
CA VAL A 4 -3.16 8.25 -12.60
C VAL A 4 -2.51 8.42 -11.24
N PHE A 5 -2.90 9.47 -10.53
CA PHE A 5 -2.39 9.71 -9.19
C PHE A 5 -2.81 8.59 -8.26
N MET A 6 -4.07 8.18 -8.37
CA MET A 6 -4.62 7.14 -7.51
C MET A 6 -3.94 5.81 -7.81
N LYS A 7 -3.51 5.63 -9.05
CA LYS A 7 -2.81 4.41 -9.46
C LYS A 7 -1.49 4.29 -8.70
N GLY A 8 -0.77 5.40 -8.60
CA GLY A 8 0.51 5.39 -7.91
C GLY A 8 0.33 5.41 -6.41
N LEU A 9 -0.65 6.17 -5.97
CA LEU A 9 -0.97 6.30 -4.55
C LEU A 9 -1.36 4.94 -3.98
N SER A 10 -2.28 4.27 -4.65
CA SER A 10 -2.75 2.96 -4.20
C SER A 10 -1.60 1.94 -4.24
N LYS A 11 -0.70 2.10 -5.20
CA LYS A 11 0.41 1.17 -5.34
C LYS A 11 1.39 1.33 -4.18
N ALA A 12 1.52 2.56 -3.72
CA ALA A 12 2.35 2.84 -2.55
C ALA A 12 1.67 2.34 -1.29
N LYS A 13 0.37 2.55 -1.21
CA LYS A 13 -0.43 2.13 -0.07
C LYS A 13 -0.44 0.62 0.07
N GLU A 14 -0.38 -0.09 -1.05
CA GLU A 14 -0.31 -1.55 -1.02
C GLU A 14 0.85 -2.00 -0.13
N GLY A 15 1.94 -1.24 -0.17
CA GLY A 15 3.11 -1.60 0.59
C GLY A 15 2.97 -1.34 2.07
N VAL A 16 2.30 -0.24 2.41
CA VAL A 16 2.12 0.12 3.81
C VAL A 16 1.11 -0.82 4.47
N VAL A 17 0.16 -1.28 3.66
CA VAL A 17 -0.79 -2.28 4.10
C VAL A 17 -0.11 -3.62 4.23
N ALA A 18 0.68 -3.96 3.23
CA ALA A 18 1.45 -5.18 3.23
C ALA A 18 2.33 -5.27 4.48
N ALA A 19 3.00 -4.16 4.78
CA ALA A 19 3.84 -4.06 5.97
C ALA A 19 2.99 -4.12 7.23
N ALA A 20 1.88 -3.40 7.24
CA ALA A 20 0.99 -3.36 8.39
C ALA A 20 0.47 -4.75 8.74
N GLU A 21 0.14 -5.53 7.73
CA GLU A 21 -0.37 -6.88 7.94
C GLU A 21 0.75 -7.86 8.26
N LYS A 22 1.87 -7.74 7.55
CA LYS A 22 2.98 -8.67 7.71
C LYS A 22 3.63 -8.52 9.08
N THR A 23 3.78 -7.29 9.55
CA THR A 23 4.39 -7.03 10.84
C THR A 23 3.39 -7.31 11.97
N LYS A 24 2.16 -7.61 11.58
CA LYS A 24 1.09 -7.90 12.52
C LYS A 24 0.86 -9.41 12.57
N GLN A 25 1.72 -10.14 11.87
CA GLN A 25 1.63 -11.60 11.81
C GLN A 25 3.02 -12.22 11.97
N GLY A 26 3.87 -11.98 10.98
CA GLY A 26 5.22 -12.51 11.03
C GLY A 26 6.15 -11.77 10.09
N MET A 2 -6.59 13.79 -10.24
CA MET A 2 -6.02 13.07 -9.11
C MET A 2 -6.04 11.57 -9.32
N ASP A 3 -6.62 11.12 -10.43
CA ASP A 3 -6.81 9.69 -10.66
C ASP A 3 -5.50 8.99 -10.95
N VAL A 4 -4.67 9.60 -11.77
CA VAL A 4 -3.35 9.07 -12.08
C VAL A 4 -2.50 9.01 -10.82
N PHE A 5 -2.63 10.02 -9.98
CA PHE A 5 -1.93 10.04 -8.70
C PHE A 5 -2.37 8.87 -7.83
N MET A 6 -3.68 8.66 -7.74
CA MET A 6 -4.24 7.60 -6.91
C MET A 6 -3.83 6.24 -7.44
N LYS A 7 -3.60 6.18 -8.73
CA LYS A 7 -3.15 4.94 -9.39
C LYS A 7 -1.83 4.48 -8.78
N GLY A 8 -0.89 5.40 -8.67
CA GLY A 8 0.40 5.08 -8.10
C GLY A 8 0.36 5.05 -6.59
N LEU A 9 -0.50 5.89 -6.01
CA LEU A 9 -0.69 5.95 -4.57
C LEU A 9 -1.23 4.63 -4.06
N SER A 10 -2.19 4.06 -4.80
CA SER A 10 -2.77 2.78 -4.44
C SER A 10 -1.69 1.70 -4.41
N LYS A 11 -0.75 1.78 -5.34
CA LYS A 11 0.35 0.83 -5.38
C LYS A 11 1.22 0.96 -4.13
N ALA A 12 1.40 2.20 -3.68
CA ALA A 12 2.17 2.47 -2.47
C ALA A 12 1.40 2.03 -1.24
N LYS A 13 0.09 2.24 -1.27
CA LYS A 13 -0.78 1.83 -0.17
C LYS A 13 -0.74 0.33 0.03
N GLU A 14 -0.79 -0.41 -1.09
CA GLU A 14 -0.71 -1.85 -1.04
C GLU A 14 0.56 -2.30 -0.31
N GLY A 15 1.63 -1.52 -0.47
CA GLY A 15 2.88 -1.82 0.18
C GLY A 15 2.85 -1.54 1.67
N VAL A 16 2.16 -0.47 2.06
CA VAL A 16 2.09 -0.10 3.46
C VAL A 16 1.14 -1.04 4.19
N VAL A 17 0.17 -1.57 3.45
CA VAL A 17 -0.73 -2.58 3.98
C VAL A 17 0.00 -3.89 4.13
N ALA A 18 0.81 -4.20 3.13
CA ALA A 18 1.68 -5.36 3.18
C ALA A 18 2.60 -5.28 4.39
N ALA A 19 3.10 -4.08 4.65
CA ALA A 19 3.92 -3.83 5.83
C ALA A 19 3.09 -4.01 7.09
N ALA A 20 1.86 -3.49 7.06
CA ALA A 20 0.94 -3.64 8.18
C ALA A 20 0.66 -5.12 8.48
N GLU A 21 0.47 -5.91 7.43
CA GLU A 21 0.21 -7.34 7.59
C GLU A 21 1.45 -8.04 8.15
N LYS A 22 2.62 -7.68 7.63
CA LYS A 22 3.87 -8.26 8.08
C LYS A 22 4.16 -7.85 9.53
N THR A 23 3.72 -6.65 9.90
CA THR A 23 3.94 -6.14 11.24
C THR A 23 2.91 -6.68 12.24
N LYS A 24 1.70 -6.92 11.77
CA LYS A 24 0.61 -7.34 12.64
C LYS A 24 0.58 -8.86 12.80
N GLN A 25 0.98 -9.57 11.76
CA GLN A 25 0.94 -11.02 11.77
C GLN A 25 2.31 -11.57 11.42
N GLY A 26 2.81 -11.18 10.25
CA GLY A 26 4.07 -11.66 9.78
C GLY A 26 4.13 -11.69 8.27
N MET A 2 -5.30 12.96 -12.83
CA MET A 2 -4.80 12.63 -11.50
C MET A 2 -5.08 11.16 -11.18
N ASP A 3 -5.74 10.47 -12.09
CA ASP A 3 -6.09 9.06 -11.89
C ASP A 3 -4.82 8.22 -11.81
N VAL A 4 -3.86 8.53 -12.68
CA VAL A 4 -2.58 7.86 -12.71
C VAL A 4 -1.87 8.03 -11.36
N PHE A 5 -1.94 9.24 -10.82
CA PHE A 5 -1.35 9.56 -9.53
C PHE A 5 -2.03 8.73 -8.43
N MET A 6 -3.34 8.61 -8.52
CA MET A 6 -4.10 7.85 -7.55
C MET A 6 -3.76 6.36 -7.64
N LYS A 7 -3.45 5.92 -8.85
CA LYS A 7 -3.04 4.54 -9.08
C LYS A 7 -1.71 4.28 -8.40
N GLY A 8 -0.83 5.27 -8.45
CA GLY A 8 0.47 5.15 -7.81
C GLY A 8 0.34 5.15 -6.30
N LEU A 9 -0.55 6.02 -5.79
CA LEU A 9 -0.81 6.09 -4.36
C LEU A 9 -1.45 4.79 -3.89
N SER A 10 -2.37 4.26 -4.67
CA SER A 10 -3.02 2.99 -4.35
C SER A 10 -1.99 1.88 -4.21
N LYS A 11 -0.99 1.89 -5.09
CA LYS A 11 0.04 0.88 -5.06
C LYS A 11 0.94 1.08 -3.83
N ALA A 12 1.18 2.33 -3.49
CA ALA A 12 1.96 2.66 -2.30
C ALA A 12 1.20 2.25 -1.04
N LYS A 13 -0.11 2.45 -1.05
CA LYS A 13 -0.97 2.03 0.04
C LYS A 13 -0.93 0.52 0.20
N GLU A 14 -0.88 -0.20 -0.91
CA GLU A 14 -0.74 -1.65 -0.88
C GLU A 14 0.52 -2.03 -0.12
N GLY A 15 1.55 -1.19 -0.23
CA GLY A 15 2.80 -1.42 0.47
C GLY A 15 2.68 -1.19 1.96
N VAL A 16 1.90 -0.17 2.34
CA VAL A 16 1.73 0.15 3.75
C VAL A 16 0.81 -0.89 4.40
N VAL A 17 -0.11 -1.42 3.60
CA VAL A 17 -0.97 -2.51 4.03
C VAL A 17 -0.15 -3.78 4.17
N ALA A 18 0.67 -4.04 3.15
CA ALA A 18 1.58 -5.16 3.19
C ALA A 18 2.45 -5.09 4.43
N ALA A 19 2.96 -3.89 4.73
CA ALA A 19 3.75 -3.67 5.93
C ALA A 19 2.91 -3.93 7.19
N ALA A 20 1.67 -3.48 7.16
CA ALA A 20 0.75 -3.69 8.27
C ALA A 20 0.50 -5.17 8.50
N GLU A 21 0.39 -5.91 7.40
CA GLU A 21 0.15 -7.36 7.46
C GLU A 21 1.39 -8.09 7.94
N LYS A 22 2.54 -7.77 7.36
CA LYS A 22 3.79 -8.45 7.70
C LYS A 22 4.20 -8.17 9.14
N THR A 23 3.99 -6.93 9.58
CA THR A 23 4.42 -6.51 10.91
C THR A 23 3.50 -7.07 12.01
N LYS A 24 2.23 -7.25 11.69
CA LYS A 24 1.29 -7.79 12.66
C LYS A 24 1.25 -9.31 12.58
N GLN A 25 1.48 -9.82 11.38
CA GLN A 25 1.52 -11.26 11.16
C GLN A 25 2.89 -11.65 10.60
N GLY A 26 3.83 -11.91 11.48
CA GLY A 26 5.16 -12.29 11.06
C GLY A 26 6.23 -11.62 11.90
N MET A 2 -6.59 12.25 -13.17
CA MET A 2 -5.95 12.08 -11.86
C MET A 2 -5.87 10.60 -11.49
N ASP A 3 -6.38 9.74 -12.38
CA ASP A 3 -6.40 8.31 -12.13
C ASP A 3 -5.00 7.75 -11.98
N VAL A 4 -4.08 8.27 -12.78
CA VAL A 4 -2.68 7.85 -12.71
C VAL A 4 -2.10 8.16 -11.34
N PHE A 5 -2.39 9.36 -10.84
CA PHE A 5 -1.94 9.78 -9.52
C PHE A 5 -2.53 8.85 -8.46
N MET A 6 -3.80 8.51 -8.61
CA MET A 6 -4.47 7.65 -7.64
C MET A 6 -3.91 6.24 -7.70
N LYS A 7 -3.45 5.85 -8.87
CA LYS A 7 -2.87 4.53 -9.07
C LYS A 7 -1.55 4.43 -8.29
N GLY A 8 -0.81 5.54 -8.27
CA GLY A 8 0.44 5.58 -7.53
C GLY A 8 0.20 5.51 -6.03
N LEU A 9 -0.80 6.24 -5.57
CA LEU A 9 -1.16 6.23 -4.15
C LEU A 9 -1.62 4.84 -3.75
N SER A 10 -2.45 4.24 -4.60
CA SER A 10 -2.97 2.90 -4.35
C SER A 10 -1.84 1.88 -4.28
N LYS A 11 -0.85 2.04 -5.16
CA LYS A 11 0.28 1.12 -5.19
C LYS A 11 1.13 1.28 -3.94
N ALA A 12 1.27 2.53 -3.50
CA ALA A 12 2.00 2.83 -2.28
C ALA A 12 1.30 2.21 -1.07
N LYS A 13 -0.01 2.32 -1.05
CA LYS A 13 -0.83 1.74 0.02
C LYS A 13 -0.63 0.24 0.10
N GLU A 14 -0.53 -0.40 -1.07
CA GLU A 14 -0.30 -1.84 -1.13
C GLU A 14 0.92 -2.23 -0.31
N GLY A 15 1.97 -1.42 -0.40
CA GLY A 15 3.19 -1.70 0.34
C GLY A 15 3.03 -1.44 1.83
N VAL A 16 2.29 -0.41 2.17
CA VAL A 16 2.06 -0.07 3.56
C VAL A 16 1.16 -1.11 4.21
N VAL A 17 0.16 -1.55 3.48
CA VAL A 17 -0.73 -2.60 3.94
C VAL A 17 0.04 -3.91 4.06
N ALA A 18 0.88 -4.18 3.07
CA ALA A 18 1.75 -5.34 3.10
C ALA A 18 2.60 -5.34 4.34
N ALA A 19 3.20 -4.20 4.64
CA ALA A 19 4.02 -4.03 5.83
C ALA A 19 3.16 -4.14 7.09
N ALA A 20 2.01 -3.49 7.08
CA ALA A 20 1.12 -3.50 8.23
C ALA A 20 0.67 -4.92 8.57
N GLU A 21 0.25 -5.66 7.55
CA GLU A 21 -0.23 -7.02 7.74
C GLU A 21 0.90 -7.95 8.19
N LYS A 22 2.05 -7.80 7.55
CA LYS A 22 3.20 -8.67 7.82
C LYS A 22 3.79 -8.37 9.20
N THR A 23 3.77 -7.11 9.60
CA THR A 23 4.30 -6.70 10.91
C THR A 23 3.32 -7.06 12.02
N LYS A 24 2.03 -7.01 11.70
CA LYS A 24 0.98 -7.25 12.68
C LYS A 24 0.72 -8.76 12.83
N GLN A 25 1.16 -9.52 11.85
CA GLN A 25 1.01 -10.97 11.86
C GLN A 25 2.34 -11.64 11.57
N GLY A 26 3.40 -11.08 12.14
CA GLY A 26 4.72 -11.63 11.92
C GLY A 26 5.68 -11.23 13.03
N MET A 2 -5.29 12.68 -13.24
CA MET A 2 -4.83 12.34 -11.90
C MET A 2 -4.97 10.85 -11.65
N ASP A 3 -5.46 10.12 -12.65
CA ASP A 3 -5.71 8.70 -12.55
C ASP A 3 -4.41 7.94 -12.29
N VAL A 4 -3.40 8.22 -13.10
CA VAL A 4 -2.10 7.60 -12.97
C VAL A 4 -1.50 7.89 -11.60
N PHE A 5 -1.76 9.08 -11.10
CA PHE A 5 -1.27 9.50 -9.79
C PHE A 5 -1.95 8.67 -8.70
N MET A 6 -3.24 8.41 -8.89
CA MET A 6 -4.01 7.61 -7.94
C MET A 6 -3.53 6.17 -7.94
N LYS A 7 -3.08 5.71 -9.10
CA LYS A 7 -2.50 4.37 -9.22
C LYS A 7 -1.27 4.25 -8.32
N GLY A 8 -0.53 5.35 -8.21
CA GLY A 8 0.66 5.36 -7.38
C GLY A 8 0.32 5.40 -5.91
N LEU A 9 -0.65 6.23 -5.57
CA LEU A 9 -1.06 6.40 -4.18
C LEU A 9 -1.69 5.11 -3.65
N SER A 10 -2.55 4.51 -4.44
CA SER A 10 -3.19 3.27 -4.07
C SER A 10 -2.16 2.15 -3.91
N LYS A 11 -1.20 2.12 -4.84
CA LYS A 11 -0.12 1.14 -4.79
C LYS A 11 0.68 1.31 -3.50
N ALA A 12 0.93 2.56 -3.13
CA ALA A 12 1.65 2.87 -1.90
C ALA A 12 0.88 2.35 -0.70
N LYS A 13 -0.42 2.59 -0.69
CA LYS A 13 -1.28 2.10 0.38
C LYS A 13 -1.24 0.59 0.46
N GLU A 14 -1.36 -0.06 -0.69
CA GLU A 14 -1.31 -1.51 -0.74
C GLU A 14 0.04 -2.00 -0.23
N GLY A 15 1.07 -1.18 -0.40
CA GLY A 15 2.38 -1.51 0.10
C GLY A 15 2.49 -1.35 1.60
N VAL A 16 1.81 -0.36 2.15
CA VAL A 16 1.83 -0.12 3.58
C VAL A 16 0.96 -1.15 4.27
N VAL A 17 -0.01 -1.67 3.55
CA VAL A 17 -0.83 -2.77 4.03
C VAL A 17 -0.02 -4.06 4.02
N ALA A 18 0.74 -4.23 2.95
CA ALA A 18 1.64 -5.36 2.83
C ALA A 18 2.64 -5.36 3.98
N ALA A 19 3.12 -4.18 4.35
CA ALA A 19 4.01 -4.01 5.49
C ALA A 19 3.25 -4.27 6.79
N ALA A 20 2.03 -3.77 6.86
CA ALA A 20 1.20 -3.94 8.04
C ALA A 20 0.92 -5.42 8.30
N GLU A 21 0.69 -6.19 7.25
CA GLU A 21 0.41 -7.61 7.41
C GLU A 21 1.60 -8.36 8.00
N LYS A 22 2.79 -7.98 7.57
CA LYS A 22 4.00 -8.63 8.06
C LYS A 22 4.37 -8.13 9.45
N THR A 23 4.08 -6.86 9.73
CA THR A 23 4.39 -6.27 11.02
C THR A 23 3.36 -6.66 12.07
N LYS A 24 2.12 -6.85 11.62
CA LYS A 24 1.01 -7.17 12.52
C LYS A 24 0.89 -8.68 12.73
N GLN A 25 1.30 -9.44 11.73
CA GLN A 25 1.24 -10.90 11.79
C GLN A 25 2.59 -11.50 11.43
N GLY A 26 3.02 -11.28 10.21
CA GLY A 26 4.30 -11.81 9.77
C GLY A 26 4.28 -12.22 8.32
N MET A 2 -4.12 14.83 -10.59
CA MET A 2 -3.89 14.00 -9.41
C MET A 2 -4.15 12.52 -9.73
N ASP A 3 -4.72 12.27 -10.91
CA ASP A 3 -5.09 10.91 -11.30
C ASP A 3 -3.86 10.02 -11.40
N VAL A 4 -2.74 10.61 -11.81
CA VAL A 4 -1.47 9.89 -11.88
C VAL A 4 -1.03 9.49 -10.47
N PHE A 5 -1.15 10.41 -9.53
CA PHE A 5 -0.84 10.13 -8.14
C PHE A 5 -1.74 9.01 -7.62
N MET A 6 -3.01 9.08 -7.99
CA MET A 6 -3.99 8.09 -7.56
C MET A 6 -3.62 6.70 -8.06
N LYS A 7 -3.05 6.67 -9.25
CA LYS A 7 -2.66 5.41 -9.89
C LYS A 7 -1.49 4.76 -9.15
N GLY A 8 -0.68 5.60 -8.50
CA GLY A 8 0.44 5.08 -7.73
C GLY A 8 0.08 4.91 -6.27
N LEU A 9 -0.93 5.65 -5.83
CA LEU A 9 -1.41 5.59 -4.45
C LEU A 9 -1.98 4.21 -4.15
N SER A 10 -2.54 3.57 -5.16
CA SER A 10 -3.09 2.24 -5.00
C SER A 10 -1.97 1.25 -4.65
N LYS A 11 -0.86 1.35 -5.37
CA LYS A 11 0.30 0.51 -5.10
C LYS A 11 0.88 0.83 -3.73
N ALA A 12 0.91 2.11 -3.40
CA ALA A 12 1.41 2.56 -2.11
C ALA A 12 0.61 1.94 -0.97
N LYS A 13 -0.71 1.94 -1.12
CA LYS A 13 -1.59 1.35 -0.13
C LYS A 13 -1.37 -0.15 -0.01
N GLU A 14 -1.20 -0.81 -1.15
CA GLU A 14 -0.93 -2.25 -1.15
C GLU A 14 0.33 -2.55 -0.33
N GLY A 15 1.33 -1.70 -0.48
CA GLY A 15 2.58 -1.88 0.22
C GLY A 15 2.50 -1.50 1.68
N VAL A 16 1.64 -0.53 1.99
CA VAL A 16 1.50 -0.07 3.37
C VAL A 16 0.66 -1.08 4.15
N VAL A 17 -0.30 -1.69 3.47
CA VAL A 17 -1.10 -2.75 4.07
C VAL A 17 -0.24 -3.98 4.26
N ALA A 18 0.54 -4.29 3.23
CA ALA A 18 1.49 -5.37 3.29
C ALA A 18 2.45 -5.18 4.46
N ALA A 19 2.95 -3.96 4.61
CA ALA A 19 3.82 -3.62 5.73
C ALA A 19 3.09 -3.80 7.05
N ALA A 20 1.86 -3.29 7.11
CA ALA A 20 1.05 -3.40 8.32
C ALA A 20 0.79 -4.87 8.67
N GLU A 21 0.48 -5.68 7.67
CA GLU A 21 0.17 -7.10 7.90
C GLU A 21 1.43 -7.89 8.27
N LYS A 22 2.52 -7.62 7.59
CA LYS A 22 3.78 -8.32 7.86
C LYS A 22 4.35 -7.93 9.22
N THR A 23 4.19 -6.66 9.58
CA THR A 23 4.71 -6.18 10.86
C THR A 23 3.80 -6.58 12.02
N LYS A 24 2.52 -6.74 11.74
CA LYS A 24 1.55 -7.14 12.75
C LYS A 24 1.48 -8.65 12.87
N GLN A 25 1.88 -9.33 11.80
CA GLN A 25 1.89 -10.78 11.76
C GLN A 25 3.20 -11.28 11.15
N GLY A 26 4.19 -11.52 12.00
CA GLY A 26 5.46 -12.03 11.53
C GLY A 26 6.62 -11.24 12.07
N MET A 2 -7.05 11.51 -13.40
CA MET A 2 -6.07 11.34 -12.34
C MET A 2 -6.02 9.89 -11.88
N ASP A 3 -6.63 9.02 -12.66
CA ASP A 3 -6.71 7.60 -12.34
C ASP A 3 -5.32 6.98 -12.23
N VAL A 4 -4.45 7.34 -13.18
CA VAL A 4 -3.08 6.87 -13.18
C VAL A 4 -2.35 7.32 -11.92
N PHE A 5 -2.58 8.56 -11.52
CA PHE A 5 -1.99 9.11 -10.31
C PHE A 5 -2.48 8.35 -9.08
N MET A 6 -3.77 8.00 -9.11
CA MET A 6 -4.39 7.27 -8.01
C MET A 6 -3.83 5.86 -7.91
N LYS A 7 -3.39 5.34 -9.06
CA LYS A 7 -2.75 4.03 -9.11
C LYS A 7 -1.44 4.07 -8.35
N GLY A 8 -0.77 5.22 -8.39
CA GLY A 8 0.47 5.39 -7.67
C GLY A 8 0.24 5.46 -6.17
N LEU A 9 -0.78 6.23 -5.78
CA LEU A 9 -1.12 6.38 -4.37
C LEU A 9 -1.57 5.05 -3.78
N SER A 10 -2.41 4.33 -4.52
CA SER A 10 -2.92 3.06 -4.04
C SER A 10 -1.80 2.05 -3.86
N LYS A 11 -0.84 2.04 -4.77
CA LYS A 11 0.32 1.16 -4.65
C LYS A 11 1.19 1.57 -3.47
N ALA A 12 1.34 2.88 -3.28
CA ALA A 12 2.09 3.40 -2.15
C ALA A 12 1.48 2.93 -0.84
N LYS A 13 0.16 3.03 -0.74
CA LYS A 13 -0.56 2.57 0.44
C LYS A 13 -0.54 1.06 0.55
N GLU A 14 -0.59 0.38 -0.58
CA GLU A 14 -0.52 -1.08 -0.59
C GLU A 14 0.77 -1.54 0.08
N GLY A 15 1.83 -0.75 -0.03
CA GLY A 15 3.08 -1.08 0.59
C GLY A 15 3.03 -0.97 2.10
N VAL A 16 2.30 0.02 2.60
CA VAL A 16 2.19 0.22 4.05
C VAL A 16 1.20 -0.78 4.63
N VAL A 17 0.23 -1.19 3.81
CA VAL A 17 -0.72 -2.21 4.21
C VAL A 17 -0.04 -3.56 4.22
N ALA A 18 0.69 -3.85 3.16
CA ALA A 18 1.46 -5.07 3.05
C ALA A 18 2.43 -5.18 4.23
N ALA A 19 2.98 -4.05 4.64
CA ALA A 19 3.83 -3.99 5.82
C ALA A 19 3.02 -4.25 7.08
N ALA A 20 1.92 -3.53 7.22
CA ALA A 20 1.05 -3.65 8.40
C ALA A 20 0.55 -5.08 8.58
N GLU A 21 0.17 -5.73 7.49
CA GLU A 21 -0.35 -7.09 7.55
C GLU A 21 0.74 -8.07 7.96
N LYS A 22 1.85 -8.05 7.24
CA LYS A 22 2.93 -9.02 7.45
C LYS A 22 3.59 -8.81 8.82
N THR A 23 3.77 -7.55 9.22
CA THR A 23 4.42 -7.26 10.48
C THR A 23 3.54 -7.66 11.65
N LYS A 24 2.23 -7.63 11.45
CA LYS A 24 1.29 -8.01 12.50
C LYS A 24 1.21 -9.53 12.60
N GLN A 25 1.43 -10.20 11.48
CA GLN A 25 1.40 -11.66 11.45
C GLN A 25 2.71 -12.23 11.98
N GLY A 26 3.82 -11.61 11.62
CA GLY A 26 5.12 -12.07 12.09
C GLY A 26 6.25 -11.18 11.60
N MET A 2 -5.52 13.32 -12.25
CA MET A 2 -5.07 12.89 -10.93
C MET A 2 -5.31 11.39 -10.75
N ASP A 3 -6.04 10.79 -11.69
CA ASP A 3 -6.36 9.37 -11.63
C ASP A 3 -5.09 8.53 -11.64
N VAL A 4 -4.12 8.92 -12.45
CA VAL A 4 -2.85 8.22 -12.50
C VAL A 4 -2.16 8.28 -11.14
N PHE A 5 -2.19 9.45 -10.52
CA PHE A 5 -1.65 9.63 -9.18
C PHE A 5 -2.32 8.66 -8.21
N MET A 6 -3.63 8.50 -8.37
CA MET A 6 -4.41 7.63 -7.50
C MET A 6 -4.00 6.18 -7.69
N LYS A 7 -3.56 5.86 -8.90
CA LYS A 7 -3.06 4.53 -9.21
C LYS A 7 -1.72 4.30 -8.52
N GLY A 8 -0.86 5.30 -8.57
CA GLY A 8 0.42 5.21 -7.88
C GLY A 8 0.24 5.22 -6.38
N LEU A 9 -0.75 5.98 -5.94
CA LEU A 9 -1.12 6.04 -4.53
C LEU A 9 -1.64 4.69 -4.07
N SER A 10 -2.32 3.99 -4.96
CA SER A 10 -2.81 2.64 -4.67
C SER A 10 -1.63 1.69 -4.52
N LYS A 11 -0.60 1.86 -5.35
CA LYS A 11 0.60 1.05 -5.24
C LYS A 11 1.30 1.34 -3.93
N ALA A 12 1.27 2.60 -3.53
CA ALA A 12 1.88 3.03 -2.29
C ALA A 12 1.20 2.38 -1.09
N LYS A 13 -0.12 2.44 -1.04
CA LYS A 13 -0.85 1.91 0.10
C LYS A 13 -0.71 0.39 0.18
N GLU A 14 -0.46 -0.25 -0.97
CA GLU A 14 -0.25 -1.70 -0.98
C GLU A 14 0.96 -2.06 -0.12
N GLY A 15 1.98 -1.19 -0.16
CA GLY A 15 3.17 -1.43 0.63
C GLY A 15 2.92 -1.17 2.10
N VAL A 16 2.09 -0.19 2.39
CA VAL A 16 1.74 0.15 3.76
C VAL A 16 0.88 -0.96 4.35
N VAL A 17 -0.02 -1.49 3.54
CA VAL A 17 -0.84 -2.61 3.94
C VAL A 17 0.02 -3.84 4.14
N ALA A 18 0.90 -4.09 3.18
CA ALA A 18 1.85 -5.19 3.26
C ALA A 18 2.63 -5.11 4.55
N ALA A 19 3.07 -3.91 4.90
CA ALA A 19 3.79 -3.70 6.14
C ALA A 19 2.85 -3.89 7.34
N ALA A 20 1.74 -3.16 7.35
CA ALA A 20 0.80 -3.17 8.47
C ALA A 20 0.31 -4.58 8.81
N GLU A 21 0.09 -5.39 7.78
CA GLU A 21 -0.45 -6.73 7.99
C GLU A 21 0.65 -7.74 8.31
N LYS A 22 1.68 -7.79 7.47
CA LYS A 22 2.72 -8.81 7.60
C LYS A 22 3.58 -8.61 8.84
N THR A 23 3.86 -7.35 9.20
CA THR A 23 4.63 -7.07 10.41
C THR A 23 3.85 -7.45 11.65
N LYS A 24 2.53 -7.45 11.54
CA LYS A 24 1.66 -7.78 12.65
C LYS A 24 1.40 -9.28 12.72
N GLN A 25 1.38 -9.90 11.55
CA GLN A 25 1.16 -11.35 11.46
C GLN A 25 2.44 -12.11 11.81
N GLY A 26 3.54 -11.70 11.21
CA GLY A 26 4.80 -12.39 11.45
C GLY A 26 5.91 -11.43 11.82
N MET A 2 -4.04 12.38 -13.85
CA MET A 2 -4.02 12.07 -12.42
C MET A 2 -4.18 10.57 -12.19
N ASP A 3 -4.50 9.83 -13.25
CA ASP A 3 -4.75 8.40 -13.14
C ASP A 3 -3.51 7.68 -12.65
N VAL A 4 -2.37 8.00 -13.24
CA VAL A 4 -1.10 7.42 -12.83
C VAL A 4 -0.79 7.77 -11.39
N PHE A 5 -1.09 9.00 -11.01
CA PHE A 5 -0.87 9.46 -9.65
C PHE A 5 -1.73 8.66 -8.67
N MET A 6 -2.97 8.37 -9.08
CA MET A 6 -3.88 7.59 -8.24
C MET A 6 -3.40 6.16 -8.11
N LYS A 7 -2.82 5.66 -9.19
CA LYS A 7 -2.24 4.32 -9.17
C LYS A 7 -1.06 4.30 -8.22
N GLY A 8 -0.33 5.42 -8.19
CA GLY A 8 0.79 5.55 -7.27
C GLY A 8 0.34 5.53 -5.83
N LEU A 9 -0.74 6.25 -5.54
CA LEU A 9 -1.30 6.31 -4.20
C LEU A 9 -1.80 4.94 -3.77
N SER A 10 -2.54 4.27 -4.65
CA SER A 10 -3.08 2.95 -4.34
C SER A 10 -1.96 1.93 -4.13
N LYS A 11 -0.92 1.99 -4.96
CA LYS A 11 0.26 1.13 -4.77
C LYS A 11 0.87 1.35 -3.40
N ALA A 12 0.91 2.61 -2.98
CA ALA A 12 1.43 2.96 -1.68
C ALA A 12 0.56 2.38 -0.57
N LYS A 13 -0.76 2.52 -0.76
CA LYS A 13 -1.72 2.01 0.21
C LYS A 13 -1.62 0.50 0.34
N GLU A 14 -1.66 -0.19 -0.78
CA GLU A 14 -1.55 -1.64 -0.77
C GLU A 14 -0.22 -2.07 -0.16
N GLY A 15 0.79 -1.23 -0.34
CA GLY A 15 2.08 -1.51 0.23
C GLY A 15 2.13 -1.30 1.73
N VAL A 16 1.40 -0.30 2.21
CA VAL A 16 1.40 -0.01 3.64
C VAL A 16 0.55 -1.05 4.36
N VAL A 17 -0.45 -1.57 3.66
CA VAL A 17 -1.25 -2.67 4.15
C VAL A 17 -0.42 -3.93 4.20
N ALA A 18 0.31 -4.17 3.12
CA ALA A 18 1.21 -5.30 3.05
C ALA A 18 2.23 -5.24 4.18
N ALA A 19 2.76 -4.05 4.43
CA ALA A 19 3.69 -3.83 5.53
C ALA A 19 2.99 -4.03 6.87
N ALA A 20 1.77 -3.52 6.98
CA ALA A 20 1.00 -3.64 8.20
C ALA A 20 0.78 -5.11 8.55
N GLU A 21 0.37 -5.91 7.58
CA GLU A 21 0.12 -7.34 7.81
C GLU A 21 1.44 -8.05 8.12
N LYS A 22 2.46 -7.74 7.32
CA LYS A 22 3.79 -8.32 7.48
C LYS A 22 4.33 -8.11 8.89
N THR A 23 4.35 -6.85 9.31
CA THR A 23 5.00 -6.47 10.55
C THR A 23 4.15 -6.82 11.77
N LYS A 24 2.94 -7.28 11.54
CA LYS A 24 2.06 -7.67 12.64
C LYS A 24 2.03 -9.18 12.81
N GLN A 25 2.43 -9.89 11.77
CA GLN A 25 2.44 -11.36 11.79
C GLN A 25 3.86 -11.87 11.92
N GLY A 26 4.72 -11.44 11.01
CA GLY A 26 6.10 -11.89 11.02
C GLY A 26 6.54 -12.35 9.65
N MET A 2 -7.54 12.48 -11.38
CA MET A 2 -6.57 12.06 -10.39
C MET A 2 -6.30 10.57 -10.48
N ASP A 3 -6.60 10.00 -11.64
CA ASP A 3 -6.45 8.57 -11.88
C ASP A 3 -5.00 8.12 -11.71
N VAL A 4 -4.09 8.85 -12.34
CA VAL A 4 -2.67 8.55 -12.26
C VAL A 4 -2.18 8.65 -10.82
N PHE A 5 -2.67 9.66 -10.12
CA PHE A 5 -2.34 9.84 -8.71
C PHE A 5 -2.79 8.65 -7.90
N MET A 6 -4.00 8.15 -8.21
CA MET A 6 -4.57 7.01 -7.50
C MET A 6 -3.74 5.76 -7.76
N LYS A 7 -3.29 5.62 -9.00
CA LYS A 7 -2.49 4.46 -9.39
C LYS A 7 -1.19 4.43 -8.59
N GLY A 8 -0.62 5.60 -8.35
CA GLY A 8 0.61 5.67 -7.57
C GLY A 8 0.33 5.56 -6.09
N LEU A 9 -0.77 6.17 -5.66
CA LEU A 9 -1.16 6.16 -4.26
C LEU A 9 -1.50 4.75 -3.80
N SER A 10 -2.38 4.09 -4.55
CA SER A 10 -2.81 2.74 -4.22
C SER A 10 -1.64 1.76 -4.30
N LYS A 11 -0.71 2.01 -5.23
CA LYS A 11 0.47 1.19 -5.36
C LYS A 11 1.30 1.26 -4.08
N ALA A 12 1.40 2.46 -3.53
CA ALA A 12 2.12 2.67 -2.28
C ALA A 12 1.34 2.07 -1.13
N LYS A 13 0.02 2.30 -1.14
CA LYS A 13 -0.86 1.76 -0.11
C LYS A 13 -0.71 0.25 0.01
N GLU A 14 -0.69 -0.43 -1.13
CA GLU A 14 -0.53 -1.89 -1.14
C GLU A 14 0.73 -2.30 -0.37
N GLY A 15 1.79 -1.52 -0.51
CA GLY A 15 3.03 -1.85 0.15
C GLY A 15 3.00 -1.53 1.62
N VAL A 16 2.37 -0.43 1.98
CA VAL A 16 2.25 -0.03 3.37
C VAL A 16 1.27 -0.95 4.09
N VAL A 17 0.25 -1.42 3.37
CA VAL A 17 -0.69 -2.38 3.89
C VAL A 17 0.00 -3.73 4.08
N ALA A 18 0.77 -4.11 3.07
CA ALA A 18 1.57 -5.31 3.14
C ALA A 18 2.44 -5.32 4.39
N ALA A 19 3.15 -4.21 4.59
CA ALA A 19 3.99 -4.05 5.77
C ALA A 19 3.14 -4.05 7.05
N ALA A 20 2.04 -3.31 7.03
CA ALA A 20 1.18 -3.18 8.21
C ALA A 20 0.60 -4.51 8.64
N GLU A 21 0.22 -5.32 7.67
CA GLU A 21 -0.36 -6.64 7.96
C GLU A 21 0.73 -7.65 8.29
N LYS A 22 1.83 -7.61 7.55
CA LYS A 22 2.93 -8.54 7.77
C LYS A 22 3.55 -8.33 9.15
N THR A 23 3.74 -7.09 9.54
CA THR A 23 4.34 -6.76 10.83
C THR A 23 3.38 -7.03 11.98
N LYS A 24 2.10 -7.18 11.65
CA LYS A 24 1.07 -7.44 12.64
C LYS A 24 0.81 -8.94 12.78
N GLN A 25 1.36 -9.72 11.86
CA GLN A 25 1.14 -11.15 11.87
C GLN A 25 2.44 -11.92 12.12
N GLY A 26 3.51 -11.48 11.49
CA GLY A 26 4.79 -12.14 11.66
C GLY A 26 5.95 -11.21 11.38
#